data_3H3I
#
_entry.id   3H3I
#
_cell.length_a   67.383
_cell.length_b   67.383
_cell.length_c   186.164
_cell.angle_alpha   90.000
_cell.angle_beta   90.000
_cell.angle_gamma   120.000
#
_symmetry.space_group_name_H-M   'P 32 1 2'
#
loop_
_entity.id
_entity.type
_entity.pdbx_description
1 polymer 'Putative lipid binding protein'
2 non-polymer 'SULFATE ION'
3 water water
#
_entity_poly.entity_id   1
_entity_poly.type   'polypeptide(L)'
_entity_poly.pdbx_seq_one_letter_code
;GACDNDTEPGGTAVEK(MSE)AGDWWVTVNAFIDGKEVEDPFGAGHLQ(MSE)STYNTASNSETE(MSE)WLDDLGNFWE
YKLKVNVNYAARTFSTTGFVDNVTYESKVKITDGKVLEKAATTPSG(MSE)PADSIVY(MSE)VQFDDDEDGLTYKVSGF
RRTGFPADDF
;
_entity_poly.pdbx_strand_id   A,B,C
#
# COMPACT_ATOMS: atom_id res chain seq x y z
N ALA A 13 -5.91 -18.92 26.61
CA ALA A 13 -6.94 -19.99 26.40
C ALA A 13 -6.41 -21.03 25.41
N VAL A 14 -5.97 -20.56 24.26
CA VAL A 14 -5.31 -21.41 23.28
C VAL A 14 -3.97 -20.71 23.01
N GLU A 15 -3.43 -20.13 24.08
CA GLU A 15 -2.21 -19.29 24.06
C GLU A 15 -1.05 -19.78 23.19
N LYS A 16 -0.59 -21.00 23.42
CA LYS A 16 0.55 -21.54 22.67
C LYS A 16 0.27 -21.72 21.17
N ALA A 18 -1.89 -19.32 19.54
CA ALA A 18 -2.09 -17.98 19.02
C ALA A 18 -0.67 -17.54 18.70
N GLY A 19 -0.49 -16.76 17.66
CA GLY A 19 0.84 -16.26 17.35
C GLY A 19 1.01 -15.44 16.09
N ASP A 20 2.20 -14.88 15.94
CA ASP A 20 2.58 -14.19 14.70
C ASP A 20 3.56 -15.12 14.03
N TRP A 21 3.31 -15.46 12.76
CA TRP A 21 4.14 -16.45 12.07
C TRP A 21 4.74 -15.93 10.77
N TRP A 22 5.88 -16.50 10.41
CA TRP A 22 6.52 -16.26 9.13
C TRP A 22 6.39 -17.60 8.41
N VAL A 23 5.67 -17.61 7.29
CA VAL A 23 5.41 -18.84 6.56
C VAL A 23 5.70 -18.73 5.07
N THR A 24 5.78 -19.91 4.43
CA THR A 24 5.92 -20.05 2.99
C THR A 24 4.75 -20.91 2.57
N VAL A 25 4.37 -20.82 1.30
CA VAL A 25 3.21 -21.57 0.80
C VAL A 25 3.63 -22.45 -0.38
N ASN A 26 3.55 -23.76 -0.17
CA ASN A 26 3.83 -24.72 -1.22
C ASN A 26 2.49 -25.19 -1.75
N ALA A 27 2.50 -25.92 -2.87
CA ALA A 27 1.28 -26.47 -3.42
C ALA A 27 1.57 -27.84 -4.01
N PHE A 28 0.55 -28.69 -4.01
CA PHE A 28 0.69 -30.00 -4.64
C PHE A 28 0.18 -29.86 -6.05
N ILE A 29 1.12 -29.79 -7.00
CA ILE A 29 0.84 -29.65 -8.40
C ILE A 29 1.26 -30.92 -9.11
N ASP A 30 0.29 -31.61 -9.73
CA ASP A 30 0.53 -32.85 -10.47
C ASP A 30 1.16 -33.95 -9.62
N GLY A 31 0.66 -34.13 -8.40
CA GLY A 31 1.15 -35.15 -7.49
C GLY A 31 2.37 -34.75 -6.67
N LYS A 32 3.15 -33.78 -7.17
CA LYS A 32 4.38 -33.34 -6.48
C LYS A 32 4.23 -32.02 -5.71
N GLU A 33 4.87 -31.96 -4.53
CA GLU A 33 4.87 -30.74 -3.73
C GLU A 33 5.83 -29.74 -4.35
N VAL A 34 5.30 -28.63 -4.85
CA VAL A 34 6.15 -27.59 -5.46
C VAL A 34 6.45 -26.56 -4.40
N GLU A 35 7.73 -26.23 -4.26
CA GLU A 35 8.19 -25.26 -3.28
C GLU A 35 7.91 -23.84 -3.75
N ASP A 36 7.10 -23.09 -2.99
CA ASP A 36 6.79 -21.68 -3.28
C ASP A 36 6.63 -21.43 -4.78
N PRO A 37 5.64 -22.08 -5.39
CA PRO A 37 5.44 -21.96 -6.84
C PRO A 37 5.16 -20.53 -7.32
N PHE A 38 4.49 -19.75 -6.49
CA PHE A 38 4.12 -18.37 -6.82
C PHE A 38 5.30 -17.40 -6.62
N GLY A 39 6.34 -17.83 -5.93
CA GLY A 39 7.50 -16.96 -5.68
C GLY A 39 7.17 -15.89 -4.64
N ALA A 40 6.20 -16.19 -3.78
CA ALA A 40 5.72 -15.27 -2.75
C ALA A 40 6.72 -15.04 -1.63
N GLY A 41 7.65 -15.98 -1.47
CA GLY A 41 8.65 -15.86 -0.41
C GLY A 41 8.00 -16.06 0.96
N HIS A 42 8.67 -15.51 1.97
CA HIS A 42 8.18 -15.59 3.35
C HIS A 42 7.11 -14.54 3.59
N LEU A 43 6.01 -14.96 4.19
CA LEU A 43 4.85 -14.12 4.42
C LEU A 43 4.48 -14.11 5.86
N GLN A 44 3.89 -13.02 6.33
CA GLN A 44 3.46 -12.96 7.72
C GLN A 44 2.00 -13.37 7.82
N SER A 46 -1.11 -14.59 11.17
CA SER A 46 -1.41 -14.64 12.57
C SER A 46 -2.54 -15.60 12.89
N THR A 47 -2.45 -16.16 14.09
CA THR A 47 -3.52 -16.95 14.67
C THR A 47 -3.76 -16.30 16.01
N TYR A 48 -5.02 -16.11 16.37
CA TYR A 48 -5.37 -15.54 17.67
C TYR A 48 -6.70 -16.05 18.22
N ASN A 49 -6.92 -15.79 19.51
CA ASN A 49 -8.12 -16.22 20.21
C ASN A 49 -9.38 -15.52 19.72
N THR A 50 -10.54 -16.10 20.00
CA THR A 50 -11.80 -15.45 19.65
C THR A 50 -12.04 -14.41 20.74
N ALA A 51 -13.03 -13.56 20.56
CA ALA A 51 -13.35 -12.54 21.56
C ALA A 51 -13.76 -13.19 22.88
N SER A 52 -14.39 -14.36 22.77
CA SER A 52 -14.87 -15.15 23.89
C SER A 52 -13.79 -16.00 24.55
N ASN A 53 -12.56 -15.89 24.04
CA ASN A 53 -11.42 -16.66 24.53
CA ASN A 53 -11.43 -16.65 24.56
C ASN A 53 -11.76 -18.15 24.54
N SER A 54 -12.43 -18.58 23.46
CA SER A 54 -12.83 -19.98 23.27
C SER A 54 -11.66 -20.96 23.36
N GLU A 55 -11.94 -22.11 23.95
CA GLU A 55 -10.95 -23.17 24.10
C GLU A 55 -10.99 -24.11 22.91
N THR A 56 -12.11 -24.13 22.19
CA THR A 56 -12.34 -25.07 21.09
C THR A 56 -12.11 -24.48 19.68
N GLU A 57 -11.94 -23.18 19.55
CA GLU A 57 -11.67 -22.58 18.24
C GLU A 57 -10.88 -21.28 18.34
N TRP A 59 -8.91 -17.96 15.56
CA TRP A 59 -8.88 -17.33 14.24
C TRP A 59 -7.58 -17.63 13.51
N LEU A 60 -7.68 -17.82 12.21
CA LEU A 60 -6.50 -18.00 11.37
C LEU A 60 -6.59 -16.88 10.34
N ASP A 61 -5.51 -16.12 10.21
CA ASP A 61 -5.50 -14.91 9.40
C ASP A 61 -4.23 -14.73 8.55
N ASP A 62 -4.38 -14.73 7.22
CA ASP A 62 -3.23 -14.53 6.30
C ASP A 62 -2.82 -13.05 6.19
N LEU A 63 -3.56 -12.18 6.88
CA LEU A 63 -3.29 -10.74 6.95
C LEU A 63 -3.28 -10.14 5.56
N GLY A 64 -4.03 -10.77 4.67
CA GLY A 64 -4.13 -10.29 3.29
C GLY A 64 -2.89 -10.51 2.45
N ASN A 65 -1.92 -11.30 2.95
CA ASN A 65 -0.66 -11.52 2.23
C ASN A 65 -0.62 -12.67 1.23
N PHE A 66 -1.61 -13.55 1.22
CA PHE A 66 -1.61 -14.63 0.24
C PHE A 66 -2.93 -14.63 -0.53
N TRP A 67 -3.93 -15.36 -0.06
CA TRP A 67 -5.20 -15.44 -0.76
C TRP A 67 -6.22 -14.43 -0.22
N GLU A 68 -5.87 -13.79 0.89
CA GLU A 68 -6.72 -12.85 1.64
CA GLU A 68 -6.76 -12.84 1.58
C GLU A 68 -7.91 -13.57 2.26
N TYR A 69 -7.58 -14.31 3.32
CA TYR A 69 -8.55 -15.08 4.06
C TYR A 69 -8.36 -15.00 5.56
N LYS A 70 -9.48 -15.06 6.26
CA LYS A 70 -9.56 -15.01 7.72
C LYS A 70 -10.81 -15.82 8.11
N LEU A 71 -10.61 -16.84 8.94
CA LEU A 71 -11.70 -17.68 9.39
C LEU A 71 -11.41 -18.27 10.75
N LYS A 72 -12.48 -18.75 11.40
CA LYS A 72 -12.37 -19.50 12.63
C LYS A 72 -12.02 -20.93 12.26
N VAL A 73 -11.13 -21.54 13.03
CA VAL A 73 -10.75 -22.94 12.84
C VAL A 73 -10.98 -23.69 14.16
N ASN A 74 -11.41 -24.96 14.08
CA ASN A 74 -11.60 -25.79 15.27
C ASN A 74 -10.21 -26.10 15.81
N VAL A 75 -10.07 -26.12 17.14
CA VAL A 75 -8.81 -26.39 17.79
C VAL A 75 -8.95 -27.47 18.86
N ASN A 76 -7.98 -28.37 18.90
CA ASN A 76 -7.87 -29.39 19.92
C ASN A 76 -6.59 -29.00 20.67
N TYR A 77 -6.72 -28.36 21.83
CA TYR A 77 -5.54 -27.81 22.51
C TYR A 77 -4.51 -28.83 22.98
N ALA A 78 -4.98 -29.93 23.55
CA ALA A 78 -4.09 -31.00 24.02
C ALA A 78 -3.27 -31.55 22.84
N ALA A 79 -3.97 -31.86 21.75
CA ALA A 79 -3.32 -32.40 20.55
C ALA A 79 -2.48 -31.35 19.85
N ARG A 80 -2.82 -30.08 20.04
CA ARG A 80 -2.15 -28.95 19.39
C ARG A 80 -2.36 -29.00 17.87
N THR A 81 -3.57 -29.38 17.50
CA THR A 81 -3.97 -29.50 16.11
C THR A 81 -5.17 -28.58 15.89
N PHE A 82 -5.41 -28.27 14.61
CA PHE A 82 -6.54 -27.43 14.22
C PHE A 82 -7.00 -27.75 12.79
N SER A 83 -8.27 -27.51 12.52
CA SER A 83 -8.87 -27.75 11.20
C SER A 83 -10.29 -27.19 11.15
N THR A 84 -10.91 -27.22 9.97
CA THR A 84 -12.31 -26.78 9.82
C THR A 84 -13.17 -27.99 9.46
N THR A 85 -14.48 -27.84 9.61
CA THR A 85 -15.42 -28.89 9.24
C THR A 85 -15.88 -28.52 7.83
N GLY A 86 -15.12 -29.02 6.86
CA GLY A 86 -15.37 -28.73 5.45
C GLY A 86 -14.95 -27.31 5.11
N PHE A 87 -15.55 -26.79 4.05
CA PHE A 87 -15.29 -25.43 3.62
C PHE A 87 -16.13 -24.48 4.45
N VAL A 88 -15.47 -23.52 5.07
CA VAL A 88 -16.12 -22.55 5.94
C VAL A 88 -16.00 -21.15 5.36
N ASP A 89 -16.92 -20.26 5.74
CA ASP A 89 -16.94 -18.88 5.23
C ASP A 89 -15.69 -18.06 5.55
N ASN A 90 -15.17 -17.42 4.52
CA ASN A 90 -14.06 -16.51 4.66
C ASN A 90 -14.70 -15.22 5.15
N VAL A 91 -14.07 -14.55 6.10
CA VAL A 91 -14.62 -13.29 6.64
C VAL A 91 -14.00 -12.07 5.93
N THR A 92 -12.83 -12.23 5.32
CA THR A 92 -12.16 -11.14 4.59
C THR A 92 -12.94 -10.74 3.33
N TYR A 93 -13.38 -11.72 2.54
CA TYR A 93 -14.24 -11.45 1.38
C TYR A 93 -15.13 -12.68 1.16
N GLU A 94 -16.21 -12.52 0.40
CA GLU A 94 -17.13 -13.62 0.18
C GLU A 94 -16.53 -14.79 -0.62
N SER A 95 -16.13 -15.81 0.12
CA SER A 95 -15.61 -17.06 -0.42
C SER A 95 -15.56 -18.05 0.74
N LYS A 96 -15.28 -19.31 0.44
CA LYS A 96 -15.16 -20.32 1.48
C LYS A 96 -13.75 -20.93 1.46
N VAL A 97 -13.32 -21.38 2.63
CA VAL A 97 -11.97 -21.94 2.85
C VAL A 97 -12.02 -23.23 3.65
N LYS A 98 -11.15 -24.19 3.33
CA LYS A 98 -11.07 -25.46 4.05
C LYS A 98 -9.66 -25.67 4.57
N ILE A 99 -9.52 -25.81 5.89
CA ILE A 99 -8.22 -26.04 6.52
C ILE A 99 -8.15 -27.49 7.02
N THR A 100 -7.04 -28.15 6.73
CA THR A 100 -6.85 -29.53 7.12
C THR A 100 -5.49 -29.81 7.73
N ASP A 101 -5.46 -30.65 8.76
CA ASP A 101 -4.23 -31.10 9.42
C ASP A 101 -3.32 -29.99 9.92
N GLY A 102 -3.90 -29.04 10.65
CA GLY A 102 -3.14 -27.96 11.26
C GLY A 102 -2.39 -28.51 12.46
N LYS A 103 -1.16 -28.07 12.66
CA LYS A 103 -0.34 -28.54 13.78
C LYS A 103 0.65 -27.47 14.25
N VAL A 104 0.66 -27.23 15.56
CA VAL A 104 1.64 -26.32 16.16
C VAL A 104 2.56 -27.20 16.97
N LEU A 105 3.85 -27.23 16.64
CA LEU A 105 4.81 -28.01 17.42
C LEU A 105 5.73 -27.03 18.16
N GLU A 106 5.91 -27.28 19.45
CA GLU A 106 6.70 -26.40 20.28
C GLU A 106 8.19 -26.52 19.96
N LYS A 107 8.81 -25.39 19.63
CA LYS A 107 10.23 -25.32 19.35
C LYS A 107 10.77 -26.26 18.25
N ALA A 108 9.91 -26.67 17.32
CA ALA A 108 10.30 -27.61 16.25
C ALA A 108 11.06 -26.96 15.08
N ALA A 109 10.75 -25.70 14.80
CA ALA A 109 11.41 -24.96 13.72
C ALA A 109 12.70 -24.31 14.21
N THR A 110 13.48 -23.76 13.26
CA THR A 110 14.70 -23.03 13.59
C THR A 110 14.63 -21.66 12.91
N THR A 111 14.79 -20.59 13.66
CA THR A 111 14.74 -19.23 13.11
C THR A 111 16.01 -19.02 12.28
N PRO A 112 16.03 -17.99 11.42
CA PRO A 112 17.23 -17.69 10.64
C PRO A 112 18.46 -17.41 11.50
N SER A 113 18.25 -16.90 12.71
CA SER A 113 19.36 -16.62 13.61
C SER A 113 19.85 -17.88 14.34
N GLY A 114 19.23 -19.03 14.05
CA GLY A 114 19.66 -20.28 14.62
C GLY A 114 19.15 -20.59 16.00
N PRO A 116 15.67 -22.14 18.27
CA PRO A 116 14.43 -22.89 18.08
C PRO A 116 13.20 -22.01 18.25
N ALA A 117 12.17 -22.31 17.49
CA ALA A 117 10.90 -21.60 17.60
C ALA A 117 9.79 -22.57 17.26
N ASP A 118 8.62 -22.30 17.83
CA ASP A 118 7.42 -23.07 17.55
C ASP A 118 7.15 -23.09 16.04
N SER A 119 6.67 -24.23 15.54
CA SER A 119 6.34 -24.34 14.14
C SER A 119 4.83 -24.44 13.95
N ILE A 120 4.37 -23.99 12.80
CA ILE A 120 2.97 -24.11 12.41
C ILE A 120 2.95 -24.71 11.02
N VAL A 121 2.00 -25.61 10.76
CA VAL A 121 1.84 -26.21 9.45
C VAL A 121 0.35 -26.46 9.27
N TYR A 122 -0.14 -26.27 8.06
CA TYR A 122 -1.53 -26.63 7.71
C TYR A 122 -1.75 -26.76 6.21
N VAL A 124 -4.50 -26.10 3.12
CA VAL A 124 -5.66 -25.24 2.85
C VAL A 124 -6.16 -25.34 1.39
N GLN A 125 -7.46 -25.24 1.20
CA GLN A 125 -8.08 -25.21 -0.13
C GLN A 125 -9.07 -24.06 -0.16
N PHE A 126 -9.26 -23.44 -1.33
CA PHE A 126 -10.14 -22.29 -1.48
C PHE A 126 -11.21 -22.58 -2.52
N ASP A 127 -12.49 -22.41 -2.17
CA ASP A 127 -13.58 -22.77 -3.10
C ASP A 127 -13.57 -21.97 -4.41
N ASP A 128 -12.87 -20.83 -4.43
CA ASP A 128 -12.73 -20.02 -5.65
C ASP A 128 -11.37 -20.20 -6.35
N ASP A 129 -10.63 -21.25 -5.99
CA ASP A 129 -9.39 -21.58 -6.71
C ASP A 129 -9.87 -22.49 -7.82
N GLU A 130 -9.93 -21.98 -9.05
CA GLU A 130 -10.39 -22.81 -10.14
C GLU A 130 -9.46 -23.99 -10.44
N ASP A 131 -8.23 -23.98 -9.90
CA ASP A 131 -7.30 -25.09 -10.13
C ASP A 131 -7.42 -26.15 -9.04
N GLY A 132 -8.28 -25.92 -8.04
CA GLY A 132 -8.54 -26.86 -6.96
C GLY A 132 -7.32 -27.40 -6.23
N LEU A 133 -6.27 -26.59 -6.12
CA LEU A 133 -5.06 -27.04 -5.45
C LEU A 133 -5.19 -27.10 -3.93
N THR A 134 -4.45 -28.04 -3.34
CA THR A 134 -4.26 -28.10 -1.90
C THR A 134 -2.90 -27.43 -1.66
N TYR A 135 -2.86 -26.45 -0.77
CA TYR A 135 -1.64 -25.70 -0.45
C TYR A 135 -1.16 -26.07 0.94
N LYS A 136 0.16 -26.11 1.12
CA LYS A 136 0.77 -26.44 2.40
C LYS A 136 1.47 -25.21 2.95
N VAL A 137 0.88 -24.64 4.00
CA VAL A 137 1.42 -23.44 4.65
C VAL A 137 2.29 -23.90 5.82
N SER A 138 3.53 -23.41 5.85
CA SER A 138 4.48 -23.84 6.85
C SER A 138 5.44 -22.74 7.29
N GLY A 139 5.72 -22.69 8.60
CA GLY A 139 6.60 -21.68 9.12
C GLY A 139 6.88 -21.76 10.61
N PHE A 140 7.36 -20.63 11.16
CA PHE A 140 7.78 -20.53 12.54
C PHE A 140 7.27 -19.25 13.19
N ARG A 141 7.25 -19.25 14.52
CA ARG A 141 6.76 -18.11 15.30
C ARG A 141 7.77 -16.98 15.27
N ARG A 142 7.28 -15.80 14.93
CA ARG A 142 8.11 -14.60 14.83
C ARG A 142 8.77 -14.27 16.16
N THR A 143 10.08 -14.02 16.11
CA THR A 143 10.82 -13.71 17.34
C THR A 143 10.77 -12.24 17.69
N GLY A 144 10.64 -11.38 16.68
CA GLY A 144 10.67 -9.95 16.90
C GLY A 144 12.05 -9.37 16.63
N PHE A 145 13.06 -10.24 16.53
CA PHE A 145 14.42 -9.83 16.22
C PHE A 145 14.52 -9.55 14.71
N PRO A 146 15.06 -8.39 14.33
CA PRO A 146 15.16 -8.04 12.92
C PRO A 146 15.91 -9.07 12.08
N ALA A 147 16.86 -9.79 12.68
CA ALA A 147 17.59 -10.83 11.98
C ALA A 147 16.67 -11.97 11.51
N ASP A 148 15.49 -12.09 12.14
CA ASP A 148 14.56 -13.17 11.84
C ASP A 148 13.36 -12.73 11.01
N ASP A 149 13.39 -11.51 10.49
CA ASP A 149 12.34 -11.02 9.60
C ASP A 149 12.80 -11.16 8.15
N PHE A 150 11.84 -11.08 7.24
CA PHE A 150 12.11 -11.20 5.83
C PHE A 150 11.58 -9.99 5.10
N ALA B 13 -10.40 6.24 1.22
CA ALA B 13 -11.70 6.86 0.83
C ALA B 13 -12.35 6.03 -0.27
N VAL B 14 -11.66 5.90 -1.41
CA VAL B 14 -12.11 5.06 -2.53
C VAL B 14 -11.38 3.71 -2.47
N GLU B 15 -11.04 3.31 -1.23
CA GLU B 15 -10.29 2.09 -0.90
C GLU B 15 -10.11 1.05 -2.01
N LYS B 16 -11.12 0.21 -2.22
CA LYS B 16 -11.02 -0.88 -3.18
C LYS B 16 -10.81 -0.50 -4.66
N ALA B 18 -8.52 1.99 -5.80
CA ALA B 18 -7.16 2.36 -5.99
C ALA B 18 -6.44 1.04 -6.13
N GLY B 19 -5.34 1.02 -6.87
CA GLY B 19 -4.56 -0.21 -6.96
C GLY B 19 -3.47 -0.20 -8.01
N ASP B 20 -2.68 -1.26 -8.00
CA ASP B 20 -1.66 -1.49 -9.00
C ASP B 20 -2.21 -2.59 -9.88
N TRP B 21 -2.23 -2.36 -11.19
CA TRP B 21 -2.82 -3.30 -12.12
C TRP B 21 -1.91 -3.74 -13.26
N TRP B 22 -2.17 -4.95 -13.76
CA TRP B 22 -1.53 -5.47 -14.94
C TRP B 22 -2.65 -5.52 -15.97
N VAL B 23 -2.52 -4.74 -17.03
CA VAL B 23 -3.54 -4.64 -18.07
C VAL B 23 -2.98 -4.87 -19.48
N THR B 24 -3.88 -5.09 -20.42
CA THR B 24 -3.57 -5.15 -21.86
C THR B 24 -4.48 -4.13 -22.49
N VAL B 25 -4.05 -3.59 -23.63
CA VAL B 25 -4.82 -2.56 -24.32
C VAL B 25 -5.29 -3.07 -25.69
N ASN B 26 -6.60 -3.22 -25.83
CA ASN B 26 -7.22 -3.60 -27.09
C ASN B 26 -7.79 -2.35 -27.74
N ALA B 27 -8.28 -2.46 -28.96
CA ALA B 27 -8.90 -1.31 -29.62
C ALA B 27 -10.02 -1.74 -30.54
N PHE B 28 -11.02 -0.87 -30.65
CA PHE B 28 -12.10 -1.11 -31.59
C PHE B 28 -11.66 -0.52 -32.91
N ILE B 29 -11.42 -1.39 -33.88
CA ILE B 29 -11.01 -0.97 -35.21
C ILE B 29 -12.05 -1.51 -36.18
N ASP B 30 -12.64 -0.60 -36.96
CA ASP B 30 -13.67 -0.96 -37.93
C ASP B 30 -14.85 -1.67 -37.25
N GLY B 31 -15.23 -1.17 -36.08
CA GLY B 31 -16.34 -1.74 -35.31
C GLY B 31 -16.07 -3.06 -34.60
N LYS B 32 -14.83 -3.54 -34.63
CA LYS B 32 -14.48 -4.84 -34.03
C LYS B 32 -13.35 -4.68 -33.03
N GLU B 33 -13.49 -5.30 -31.85
CA GLU B 33 -12.45 -5.25 -30.82
C GLU B 33 -11.26 -6.09 -31.27
N VAL B 34 -10.12 -5.44 -31.50
CA VAL B 34 -8.90 -6.11 -31.92
C VAL B 34 -8.01 -6.30 -30.68
N GLU B 35 -7.46 -7.50 -30.54
CA GLU B 35 -6.64 -7.84 -29.39
C GLU B 35 -5.24 -7.21 -29.52
N ASP B 36 -4.81 -6.55 -28.44
CA ASP B 36 -3.48 -5.93 -28.33
C ASP B 36 -2.87 -5.58 -29.70
N PRO B 37 -3.50 -4.65 -30.44
CA PRO B 37 -3.00 -4.35 -31.80
C PRO B 37 -1.61 -3.78 -31.89
N PHE B 38 -1.08 -3.20 -30.81
CA PHE B 38 0.25 -2.65 -30.86
C PHE B 38 1.31 -3.65 -30.45
N GLY B 39 0.87 -4.78 -29.93
CA GLY B 39 1.78 -5.82 -29.45
C GLY B 39 2.44 -5.38 -28.16
N ALA B 40 1.80 -4.47 -27.42
CA ALA B 40 2.34 -3.92 -26.17
C ALA B 40 2.46 -4.94 -25.04
N GLY B 41 1.64 -5.99 -25.10
CA GLY B 41 1.65 -7.05 -24.08
C GLY B 41 1.04 -6.51 -22.80
N HIS B 42 1.39 -7.13 -21.68
CA HIS B 42 0.89 -6.73 -20.37
C HIS B 42 1.66 -5.52 -19.85
N LEU B 43 0.89 -4.53 -19.38
CA LEU B 43 1.43 -3.26 -18.92
C LEU B 43 0.99 -2.95 -17.51
N GLN B 44 1.90 -2.34 -16.74
CA GLN B 44 1.55 -1.91 -15.39
C GLN B 44 0.91 -0.53 -15.38
N SER B 46 -1.61 2.24 -12.49
CA SER B 46 -2.10 2.45 -11.15
C SER B 46 -3.31 3.39 -11.12
N THR B 47 -4.13 3.20 -10.10
CA THR B 47 -5.19 4.14 -9.74
C THR B 47 -4.90 4.44 -8.26
N TYR B 48 -5.14 5.67 -7.82
CA TYR B 48 -4.94 6.01 -6.42
C TYR B 48 -5.71 7.24 -6.00
N ASN B 49 -5.93 7.32 -4.68
CA ASN B 49 -6.65 8.40 -4.04
C ASN B 49 -6.01 9.75 -4.29
N THR B 50 -6.81 10.81 -4.19
CA THR B 50 -6.24 12.15 -4.33
C THR B 50 -5.58 12.43 -2.98
N ALA B 51 -4.67 13.38 -2.94
CA ALA B 51 -3.99 13.70 -1.69
C ALA B 51 -5.00 14.15 -0.62
N SER B 52 -6.18 14.58 -1.05
CA SER B 52 -7.26 14.98 -0.15
C SER B 52 -8.18 13.82 0.22
N ASN B 53 -7.89 12.64 -0.32
CA ASN B 53 -8.65 11.44 -0.02
C ASN B 53 -10.13 11.60 -0.42
N SER B 54 -10.35 12.14 -1.62
CA SER B 54 -11.69 12.36 -2.13
C SER B 54 -12.46 11.05 -2.22
N GLU B 55 -13.78 11.14 -2.06
CA GLU B 55 -14.68 10.00 -2.20
C GLU B 55 -15.29 9.98 -3.60
N THR B 56 -15.28 11.14 -4.26
CA THR B 56 -15.91 11.27 -5.57
C THR B 56 -14.93 11.25 -6.75
N GLU B 57 -13.63 11.25 -6.50
CA GLU B 57 -12.66 11.20 -7.59
C GLU B 57 -11.36 10.49 -7.18
N TRP B 59 -7.12 9.28 -9.03
CA TRP B 59 -6.17 9.36 -10.12
C TRP B 59 -6.09 8.07 -10.92
N LEU B 60 -5.95 8.23 -12.23
CA LEU B 60 -5.74 7.10 -13.13
C LEU B 60 -4.42 7.47 -13.83
N ASP B 61 -3.49 6.55 -13.81
CA ASP B 61 -2.13 6.81 -14.23
C ASP B 61 -1.58 5.61 -15.00
N ASP B 62 -1.19 5.79 -16.26
CA ASP B 62 -0.65 4.65 -17.05
C ASP B 62 0.87 4.44 -16.83
N LEU B 63 1.44 5.25 -15.95
CA LEU B 63 2.83 5.16 -15.54
C LEU B 63 3.80 5.31 -16.71
N GLY B 64 3.37 5.96 -17.78
CA GLY B 64 4.20 6.13 -18.97
C GLY B 64 4.29 4.88 -19.84
N ASN B 65 3.52 3.84 -19.53
CA ASN B 65 3.66 2.58 -20.22
C ASN B 65 2.88 2.44 -21.52
N PHE B 66 1.87 3.28 -21.74
CA PHE B 66 1.12 3.19 -22.99
C PHE B 66 1.11 4.51 -23.75
N TRP B 67 0.20 5.41 -23.41
CA TRP B 67 0.11 6.70 -24.12
C TRP B 67 0.81 7.79 -23.35
N GLU B 68 1.11 7.56 -22.08
CA GLU B 68 1.74 8.55 -21.19
C GLU B 68 0.66 9.52 -20.76
N TYR B 69 -0.23 9.04 -19.91
CA TYR B 69 -1.32 9.85 -19.40
C TYR B 69 -1.59 9.59 -17.94
N LYS B 70 -2.04 10.66 -17.30
CA LYS B 70 -2.35 10.66 -15.90
C LYS B 70 -3.45 11.71 -15.74
N LEU B 71 -4.52 11.35 -15.06
CA LEU B 71 -5.62 12.29 -14.84
C LEU B 71 -6.54 11.83 -13.74
N LYS B 72 -7.41 12.73 -13.31
CA LYS B 72 -8.41 12.37 -12.31
C LYS B 72 -9.64 11.87 -13.04
N VAL B 73 -10.29 10.88 -12.46
CA VAL B 73 -11.54 10.37 -12.99
C VAL B 73 -12.60 10.52 -11.90
N ASN B 74 -13.84 10.74 -12.32
CA ASN B 74 -14.94 10.85 -11.38
C ASN B 74 -15.21 9.43 -10.95
N VAL B 75 -15.57 9.25 -9.69
CA VAL B 75 -15.81 7.92 -9.16
C VAL B 75 -17.15 7.84 -8.43
N ASN B 76 -17.77 6.66 -8.50
CA ASN B 76 -18.97 6.39 -7.76
C ASN B 76 -18.68 5.10 -7.01
N TYR B 77 -18.32 5.24 -5.73
CA TYR B 77 -17.82 4.09 -4.96
C TYR B 77 -18.84 2.99 -4.77
N ALA B 78 -20.11 3.36 -4.66
CA ALA B 78 -21.18 2.39 -4.49
C ALA B 78 -21.30 1.54 -5.75
N ALA B 79 -21.29 2.20 -6.90
CA ALA B 79 -21.38 1.52 -8.21
C ALA B 79 -20.06 0.89 -8.60
N ARG B 80 -18.97 1.38 -8.02
CA ARG B 80 -17.62 0.92 -8.36
C ARG B 80 -17.28 1.25 -9.81
N THR B 81 -17.79 2.40 -10.25
CA THR B 81 -17.58 2.89 -11.60
C THR B 81 -16.75 4.16 -11.62
N PHE B 82 -16.16 4.43 -12.78
CA PHE B 82 -15.44 5.67 -12.98
C PHE B 82 -15.46 6.12 -14.45
N SER B 83 -15.33 7.42 -14.63
CA SER B 83 -15.31 8.03 -15.94
C SER B 83 -14.93 9.49 -15.77
N THR B 84 -14.58 10.13 -16.88
CA THR B 84 -14.33 11.58 -16.90
C THR B 84 -15.57 12.24 -17.49
N THR B 85 -15.68 13.55 -17.34
CA THR B 85 -16.74 14.31 -17.98
C THR B 85 -16.12 14.86 -19.26
N GLY B 86 -16.26 14.06 -20.32
CA GLY B 86 -15.69 14.37 -21.62
C GLY B 86 -14.17 14.26 -21.59
N PHE B 87 -13.54 14.98 -22.53
CA PHE B 87 -12.11 15.06 -22.63
C PHE B 87 -11.56 16.02 -21.57
N VAL B 88 -10.66 15.48 -20.74
CA VAL B 88 -10.02 16.19 -19.64
CA VAL B 88 -10.04 16.24 -19.67
C VAL B 88 -8.52 16.27 -19.84
N ASP B 89 -7.89 17.32 -19.28
CA ASP B 89 -6.45 17.52 -19.39
C ASP B 89 -5.63 16.36 -18.86
N ASN B 90 -4.64 15.98 -19.66
CA ASN B 90 -3.68 14.97 -19.29
C ASN B 90 -2.69 15.78 -18.46
N VAL B 91 -2.18 15.20 -17.37
CA VAL B 91 -1.20 15.89 -16.51
C VAL B 91 0.25 15.50 -16.83
N THR B 92 0.46 14.44 -17.61
CA THR B 92 1.83 14.02 -18.00
C THR B 92 2.38 14.95 -19.09
N TYR B 93 1.56 15.27 -20.08
CA TYR B 93 1.94 16.18 -21.14
C TYR B 93 0.64 16.84 -21.61
N GLU B 94 0.74 17.90 -22.41
CA GLU B 94 -0.44 18.65 -22.86
C GLU B 94 -1.22 17.88 -23.93
N SER B 95 -2.36 17.34 -23.52
CA SER B 95 -3.29 16.61 -24.39
C SER B 95 -4.51 16.35 -23.54
N LYS B 96 -5.56 15.81 -24.14
CA LYS B 96 -6.76 15.50 -23.40
C LYS B 96 -7.09 14.01 -23.54
N VAL B 97 -7.83 13.51 -22.56
CA VAL B 97 -8.18 12.11 -22.49
C VAL B 97 -9.63 11.93 -22.03
N LYS B 98 -10.35 10.98 -22.61
CA LYS B 98 -11.72 10.67 -22.19
C LYS B 98 -11.77 9.22 -21.70
N ILE B 99 -12.22 9.03 -20.45
CA ILE B 99 -12.36 7.70 -19.86
C ILE B 99 -13.87 7.43 -19.76
N THR B 100 -14.31 6.26 -20.21
CA THR B 100 -15.72 5.87 -20.15
C THR B 100 -15.82 4.41 -19.70
N ASP B 101 -16.99 4.01 -19.20
CA ASP B 101 -17.28 2.63 -18.79
C ASP B 101 -16.23 2.04 -17.85
N GLY B 102 -15.64 2.87 -17.00
CA GLY B 102 -14.71 2.38 -15.98
C GLY B 102 -15.46 1.56 -14.95
N LYS B 103 -14.93 0.39 -14.62
CA LYS B 103 -15.55 -0.46 -13.62
C LYS B 103 -14.44 -1.30 -12.95
N VAL B 104 -14.53 -1.47 -11.64
CA VAL B 104 -13.62 -2.32 -10.89
C VAL B 104 -14.50 -3.37 -10.24
N LEU B 105 -14.26 -4.64 -10.57
CA LEU B 105 -15.07 -5.72 -10.00
C LEU B 105 -14.21 -6.59 -9.07
N GLU B 106 -14.72 -6.80 -7.86
CA GLU B 106 -14.01 -7.58 -6.84
C GLU B 106 -13.83 -9.04 -7.25
N LYS B 107 -12.59 -9.52 -7.17
CA LYS B 107 -12.26 -10.91 -7.48
C LYS B 107 -12.90 -11.47 -8.76
N ALA B 108 -13.08 -10.64 -9.78
CA ALA B 108 -13.69 -11.09 -11.05
C ALA B 108 -12.67 -11.64 -12.05
N ALA B 109 -11.42 -11.21 -11.97
CA ALA B 109 -10.38 -11.70 -12.88
C ALA B 109 -9.62 -12.87 -12.25
N THR B 110 -8.70 -13.45 -13.03
CA THR B 110 -7.85 -14.56 -12.56
C THR B 110 -6.39 -14.23 -12.86
N THR B 111 -5.52 -14.45 -11.88
CA THR B 111 -4.09 -14.19 -12.06
C THR B 111 -3.45 -15.32 -12.85
N PRO B 112 -2.24 -15.10 -13.37
CA PRO B 112 -1.55 -16.17 -14.08
C PRO B 112 -1.34 -17.42 -13.22
N SER B 113 -1.35 -17.27 -11.90
CA SER B 113 -1.18 -18.43 -11.00
C SER B 113 -2.51 -19.06 -10.61
N GLY B 114 -3.60 -18.67 -11.29
CA GLY B 114 -4.91 -19.26 -11.06
C GLY B 114 -5.58 -18.85 -9.77
N PRO B 116 -8.05 -15.86 -7.97
CA PRO B 116 -8.93 -14.75 -8.28
C PRO B 116 -8.31 -13.43 -7.88
N ALA B 117 -8.62 -12.38 -8.62
CA ALA B 117 -8.09 -11.07 -8.34
C ALA B 117 -9.08 -10.04 -8.86
N ASP B 118 -9.06 -8.84 -8.27
CA ASP B 118 -9.96 -7.77 -8.68
C ASP B 118 -9.67 -7.41 -10.14
N SER B 119 -10.72 -7.10 -10.89
CA SER B 119 -10.57 -6.71 -12.27
C SER B 119 -10.81 -5.23 -12.43
N ILE B 120 -10.14 -4.65 -13.43
CA ILE B 120 -10.34 -3.27 -13.81
C ILE B 120 -10.56 -3.27 -15.30
N VAL B 121 -11.53 -2.48 -15.74
CA VAL B 121 -11.79 -2.31 -17.16
CA VAL B 121 -11.83 -2.34 -17.16
C VAL B 121 -12.25 -0.90 -17.41
N TYR B 122 -11.81 -0.33 -18.54
CA TYR B 122 -12.28 0.99 -18.95
C TYR B 122 -12.00 1.18 -20.43
N VAL B 124 -10.89 4.22 -23.30
CA VAL B 124 -10.17 5.47 -23.32
C VAL B 124 -10.00 5.96 -24.74
N GLN B 125 -10.06 7.28 -24.87
CA GLN B 125 -9.88 7.97 -26.14
C GLN B 125 -8.93 9.15 -25.89
N PHE B 126 -8.02 9.38 -26.84
CA PHE B 126 -7.03 10.44 -26.74
C PHE B 126 -7.26 11.47 -27.83
N ASP B 127 -7.38 12.75 -27.46
CA ASP B 127 -7.64 13.78 -28.47
C ASP B 127 -6.52 13.92 -29.48
N ASP B 128 -5.30 13.50 -29.14
CA ASP B 128 -4.20 13.55 -30.13
C ASP B 128 -4.02 12.26 -30.93
N ASP B 129 -4.99 11.35 -30.86
CA ASP B 129 -4.96 10.14 -31.67
C ASP B 129 -5.66 10.52 -32.98
N GLU B 130 -4.89 10.63 -34.05
CA GLU B 130 -5.46 11.01 -35.35
C GLU B 130 -6.37 9.93 -35.93
N ASP B 131 -6.22 8.69 -35.45
CA ASP B 131 -7.08 7.59 -35.85
C ASP B 131 -8.41 7.62 -35.06
N GLY B 132 -8.47 8.43 -34.01
CA GLY B 132 -9.67 8.59 -33.19
C GLY B 132 -10.32 7.32 -32.69
N LEU B 133 -9.50 6.36 -32.24
CA LEU B 133 -10.02 5.09 -31.77
C LEU B 133 -10.44 5.08 -30.30
N THR B 134 -11.23 4.07 -29.95
CA THR B 134 -11.59 3.81 -28.58
C THR B 134 -10.82 2.55 -28.16
N TYR B 135 -9.98 2.71 -27.13
CA TYR B 135 -9.18 1.61 -26.61
C TYR B 135 -9.89 0.97 -25.42
N LYS B 136 -9.73 -0.33 -25.28
CA LYS B 136 -10.30 -1.05 -24.14
C LYS B 136 -9.13 -1.54 -23.30
N VAL B 137 -9.00 -0.98 -22.10
CA VAL B 137 -7.96 -1.36 -21.17
C VAL B 137 -8.59 -2.31 -20.17
N SER B 138 -7.98 -3.47 -20.00
CA SER B 138 -8.52 -4.49 -19.14
C SER B 138 -7.43 -5.22 -18.40
N GLY B 139 -7.69 -5.57 -17.15
CA GLY B 139 -6.69 -6.28 -16.38
C GLY B 139 -7.09 -6.66 -14.98
N PHE B 140 -6.08 -6.97 -14.17
CA PHE B 140 -6.31 -7.46 -12.81
C PHE B 140 -5.34 -6.81 -11.81
N ARG B 141 -5.66 -6.96 -10.53
CA ARG B 141 -4.87 -6.36 -9.47
C ARG B 141 -3.55 -7.12 -9.22
N ARG B 142 -2.43 -6.41 -9.33
CA ARG B 142 -1.13 -6.98 -9.10
C ARG B 142 -1.07 -7.63 -7.70
N THR B 143 -0.60 -8.87 -7.64
CA THR B 143 -0.52 -9.59 -6.39
C THR B 143 0.78 -9.36 -5.64
N GLY B 144 1.83 -9.04 -6.40
CA GLY B 144 3.15 -8.86 -5.84
C GLY B 144 3.96 -10.14 -5.97
N PHE B 145 3.33 -11.23 -6.39
CA PHE B 145 4.05 -12.48 -6.56
C PHE B 145 4.71 -12.44 -7.95
N PRO B 146 6.01 -12.76 -8.02
CA PRO B 146 6.72 -12.75 -9.31
C PRO B 146 6.11 -13.64 -10.38
N ALA B 147 5.49 -14.76 -9.99
CA ALA B 147 4.81 -15.62 -10.96
C ALA B 147 3.64 -14.88 -11.64
N ASP B 148 3.15 -13.81 -11.01
CA ASP B 148 2.02 -13.03 -11.55
C ASP B 148 2.46 -11.78 -12.28
N ASP B 149 3.77 -11.59 -12.43
CA ASP B 149 4.31 -10.44 -13.16
C ASP B 149 4.64 -10.86 -14.59
N PHE B 150 4.73 -9.87 -15.48
CA PHE B 150 5.01 -10.11 -16.88
C PHE B 150 6.28 -9.39 -17.28
N ALA C 13 10.39 17.62 -10.43
CA ALA C 13 10.07 19.08 -10.48
C ALA C 13 10.71 19.79 -9.29
N VAL C 14 10.54 19.20 -8.12
CA VAL C 14 11.18 19.68 -6.90
C VAL C 14 11.98 18.49 -6.34
N GLU C 15 12.55 17.71 -7.26
CA GLU C 15 13.31 16.48 -6.95
C GLU C 15 14.04 16.43 -5.60
N LYS C 16 15.05 17.27 -5.43
CA LYS C 16 15.87 17.29 -4.22
C LYS C 16 15.16 17.71 -2.92
N ALA C 18 11.85 16.70 -2.24
CA ALA C 18 10.98 15.60 -1.90
C ALA C 18 11.84 14.58 -1.17
N GLY C 19 11.25 13.86 -0.23
CA GLY C 19 11.98 12.82 0.45
C GLY C 19 11.25 12.23 1.64
N ASP C 20 11.88 11.20 2.21
CA ASP C 20 11.43 10.56 3.44
C ASP C 20 12.44 11.02 4.47
N TRP C 21 11.95 11.57 5.58
CA TRP C 21 12.79 12.15 6.57
C TRP C 21 12.54 11.57 7.97
N TRP C 22 13.59 11.57 8.77
CA TRP C 22 13.53 11.24 10.18
C TRP C 22 13.74 12.57 10.89
N VAL C 23 12.72 13.04 11.60
CA VAL C 23 12.79 14.32 12.26
C VAL C 23 12.45 14.23 13.75
N THR C 24 12.78 15.29 14.47
CA THR C 24 12.36 15.47 15.86
C THR C 24 11.64 16.81 15.88
N VAL C 25 10.80 17.00 16.89
CA VAL C 25 10.02 18.21 17.05
C VAL C 25 10.36 18.88 18.39
N ASN C 26 10.90 20.10 18.30
CA ASN C 26 11.20 20.91 19.46
C ASN C 26 10.15 21.99 19.53
N ALA C 27 10.05 22.67 20.67
CA ALA C 27 9.09 23.78 20.78
C ALA C 27 9.75 24.93 21.50
N PHE C 28 9.34 26.15 21.14
CA PHE C 28 9.83 27.33 21.82
C PHE C 28 8.83 27.62 22.92
N ILE C 29 9.29 27.43 24.17
CA ILE C 29 8.47 27.63 25.35
C ILE C 29 9.11 28.71 26.20
N ASP C 30 8.36 29.77 26.48
CA ASP C 30 8.86 30.91 27.24
C ASP C 30 10.17 31.43 26.66
N GLY C 31 10.23 31.50 25.33
CA GLY C 31 11.42 32.01 24.64
C GLY C 31 12.66 31.13 24.72
N LYS C 32 12.48 29.84 24.99
CA LYS C 32 13.60 28.89 25.07
C LYS C 32 13.27 27.65 24.23
N GLU C 33 14.20 27.21 23.39
CA GLU C 33 13.97 26.02 22.57
C GLU C 33 14.00 24.80 23.47
N VAL C 34 12.87 24.12 23.61
CA VAL C 34 12.80 22.91 24.44
C VAL C 34 12.96 21.70 23.53
N GLU C 35 13.84 20.79 23.95
CA GLU C 35 14.12 19.56 23.18
CA GLU C 35 14.13 19.56 23.19
C GLU C 35 13.01 18.52 23.36
N ASP C 36 12.42 18.11 22.25
CA ASP C 36 11.36 17.09 22.23
C ASP C 36 10.41 17.11 23.45
N PRO C 37 9.66 18.21 23.62
CA PRO C 37 8.80 18.32 24.80
C PRO C 37 7.70 17.26 24.94
N PHE C 38 7.26 16.64 23.84
CA PHE C 38 6.22 15.60 23.95
C PHE C 38 6.82 14.24 24.19
N GLY C 39 8.15 14.13 24.09
CA GLY C 39 8.83 12.85 24.25
C GLY C 39 8.50 11.95 23.09
N ALA C 40 8.21 12.57 21.94
CA ALA C 40 7.82 11.86 20.72
C ALA C 40 9.00 11.14 20.09
N GLY C 41 10.22 11.52 20.44
CA GLY C 41 11.42 10.92 19.85
C GLY C 41 11.51 11.21 18.35
N HIS C 42 12.18 10.33 17.61
CA HIS C 42 12.35 10.52 16.15
C HIS C 42 11.13 10.00 15.40
N LEU C 43 10.66 10.83 14.49
CA LEU C 43 9.44 10.54 13.74
C LEU C 43 9.70 10.54 12.26
N GLN C 44 8.98 9.69 11.53
CA GLN C 44 9.07 9.73 10.07
C GLN C 44 8.06 10.72 9.50
N SER C 46 7.26 12.87 5.35
CA SER C 46 7.63 12.98 3.96
C SER C 46 7.24 14.29 3.34
N THR C 47 7.93 14.59 2.23
CA THR C 47 7.59 15.67 1.36
C THR C 47 7.58 15.05 -0.07
N TYR C 48 6.65 15.45 -0.90
CA TYR C 48 6.61 14.93 -2.26
C TYR C 48 6.00 15.90 -3.26
N ASN C 49 6.31 15.66 -4.53
CA ASN C 49 5.79 16.53 -5.59
CA ASN C 49 5.80 16.51 -5.59
C ASN C 49 4.28 16.42 -5.66
N THR C 50 3.64 17.43 -6.23
CA THR C 50 2.20 17.38 -6.40
C THR C 50 1.98 16.46 -7.60
N ALA C 51 0.76 15.97 -7.78
CA ALA C 51 0.45 15.08 -8.88
C ALA C 51 0.71 15.73 -10.26
N SER C 52 0.54 17.05 -10.34
CA SER C 52 0.80 17.83 -11.56
C SER C 52 2.29 18.15 -11.73
N ASN C 53 3.10 17.69 -10.79
CA ASN C 53 4.53 17.92 -10.81
C ASN C 53 4.86 19.42 -10.81
N SER C 54 4.22 20.16 -9.91
CA SER C 54 4.44 21.60 -9.79
C SER C 54 5.90 21.92 -9.43
N GLU C 55 6.39 23.05 -9.92
CA GLU C 55 7.74 23.49 -9.62
C GLU C 55 7.72 24.50 -8.48
N THR C 56 6.52 24.99 -8.13
CA THR C 56 6.34 26.02 -7.10
C THR C 56 5.59 25.57 -5.81
N GLU C 57 5.14 24.32 -5.76
CA GLU C 57 4.44 23.78 -4.59
C GLU C 57 4.85 22.33 -4.34
N TRP C 59 3.84 18.81 -1.35
CA TRP C 59 3.13 18.33 -0.17
C TRP C 59 4.13 18.13 0.95
N LEU C 60 3.68 18.39 2.17
CA LEU C 60 4.41 18.19 3.40
C LEU C 60 3.45 17.36 4.20
N ASP C 61 3.93 16.22 4.69
CA ASP C 61 3.04 15.23 5.30
C ASP C 61 3.72 14.60 6.53
N ASP C 62 3.09 14.72 7.71
CA ASP C 62 3.68 14.18 8.93
C ASP C 62 3.32 12.70 9.09
N LEU C 63 2.65 12.14 8.08
CA LEU C 63 2.24 10.73 8.06
C LEU C 63 1.46 10.30 9.31
N GLY C 64 0.76 11.22 9.97
CA GLY C 64 0.02 10.91 11.19
C GLY C 64 0.89 10.74 12.44
N ASN C 65 2.20 11.01 12.34
CA ASN C 65 3.13 10.75 13.42
C ASN C 65 3.25 11.85 14.47
N PHE C 66 2.80 13.07 14.14
CA PHE C 66 2.86 14.13 15.14
C PHE C 66 1.48 14.75 15.41
N TRP C 67 1.14 15.86 14.73
CA TRP C 67 -0.13 16.54 14.93
C TRP C 67 -1.23 15.99 14.03
N GLU C 68 -0.82 15.22 13.02
CA GLU C 68 -1.70 14.66 11.98
C GLU C 68 -2.03 15.77 10.98
N TYR C 69 -1.05 16.09 10.14
CA TYR C 69 -1.23 17.14 9.16
C TYR C 69 -0.54 16.85 7.87
N LYS C 70 -1.17 17.32 6.82
CA LYS C 70 -0.71 17.20 5.45
C LYS C 70 -1.26 18.43 4.73
N LEU C 71 -0.37 19.20 4.12
CA LEU C 71 -0.77 20.38 3.36
C LEU C 71 0.25 20.65 2.28
N LYS C 72 -0.11 21.52 1.35
CA LYS C 72 0.83 22.01 0.37
C LYS C 72 1.57 23.23 0.93
N VAL C 73 2.84 23.32 0.59
CA VAL C 73 3.69 24.44 0.95
C VAL C 73 4.20 25.04 -0.38
N ASN C 74 4.44 26.33 -0.38
CA ASN C 74 5.01 26.97 -1.55
C ASN C 74 6.49 26.65 -1.52
N VAL C 75 7.08 26.45 -2.69
CA VAL C 75 8.49 26.12 -2.81
C VAL C 75 9.18 27.09 -3.74
N ASN C 76 10.43 27.39 -3.43
CA ASN C 76 11.31 28.16 -4.28
C ASN C 76 12.48 27.20 -4.45
N TYR C 77 12.48 26.45 -5.56
CA TYR C 77 13.49 25.40 -5.79
C TYR C 77 14.91 25.95 -5.85
N ALA C 78 15.09 27.12 -6.45
CA ALA C 78 16.40 27.73 -6.55
C ALA C 78 17.01 27.92 -5.17
N ALA C 79 16.24 28.56 -4.27
CA ALA C 79 16.70 28.85 -2.91
C ALA C 79 16.55 27.66 -1.97
N ARG C 80 15.93 26.59 -2.44
CA ARG C 80 15.62 25.39 -1.66
C ARG C 80 14.90 25.72 -0.36
N THR C 81 13.97 26.66 -0.46
CA THR C 81 13.17 27.08 0.68
C THR C 81 11.69 26.74 0.45
N PHE C 82 10.93 26.71 1.54
CA PHE C 82 9.49 26.45 1.48
C PHE C 82 8.79 27.08 2.69
N SER C 83 7.53 27.43 2.50
CA SER C 83 6.69 28.03 3.55
C SER C 83 5.26 28.13 3.04
N THR C 84 4.32 28.38 3.95
CA THR C 84 2.94 28.66 3.56
C THR C 84 2.71 30.16 3.61
N THR C 85 1.67 30.61 2.94
CA THR C 85 1.26 32.01 3.01
C THR C 85 0.12 32.01 4.03
N GLY C 86 0.49 32.35 5.26
CA GLY C 86 -0.43 32.33 6.38
C GLY C 86 -0.73 30.90 6.76
N PHE C 87 -1.94 30.72 7.29
CA PHE C 87 -2.45 29.46 7.74
C PHE C 87 -3.22 28.83 6.62
N VAL C 88 -2.87 27.59 6.31
CA VAL C 88 -3.45 26.86 5.20
C VAL C 88 -4.19 25.64 5.72
N ASP C 89 -5.19 25.19 4.97
CA ASP C 89 -6.01 24.06 5.38
C ASP C 89 -5.23 22.75 5.47
N ASN C 90 -5.44 22.04 6.57
CA ASN C 90 -4.88 20.71 6.77
C ASN C 90 -5.79 19.79 5.97
N VAL C 91 -5.21 18.85 5.24
CA VAL C 91 -6.01 17.91 4.45
C VAL C 91 -6.33 16.62 5.25
N THR C 92 -5.66 16.41 6.38
CA THR C 92 -5.88 15.19 7.20
C THR C 92 -7.13 15.29 8.08
N TYR C 93 -7.36 16.45 8.68
CA TYR C 93 -8.58 16.75 9.46
C TYR C 93 -8.77 18.26 9.33
N GLU C 94 -9.88 18.78 9.85
CA GLU C 94 -10.20 20.20 9.65
C GLU C 94 -9.47 21.10 10.65
N SER C 95 -8.41 21.74 10.17
CA SER C 95 -7.63 22.65 10.99
C SER C 95 -6.75 23.37 10.02
N LYS C 96 -5.90 24.27 10.53
CA LYS C 96 -5.01 25.03 9.69
C LYS C 96 -3.63 25.03 10.26
N VAL C 97 -2.66 25.15 9.36
CA VAL C 97 -1.26 25.05 9.69
C VAL C 97 -0.51 26.13 8.95
N LYS C 98 0.49 26.67 9.64
CA LYS C 98 1.35 27.69 9.08
C LYS C 98 2.76 27.16 9.16
N ILE C 99 3.47 27.19 8.03
CA ILE C 99 4.85 26.69 7.95
C ILE C 99 5.76 27.88 7.64
N THR C 100 6.86 28.01 8.38
CA THR C 100 7.78 29.12 8.18
C THR C 100 9.25 28.72 8.14
N ASP C 101 10.03 29.43 7.33
CA ASP C 101 11.48 29.26 7.27
C ASP C 101 11.90 27.83 7.00
N GLY C 102 11.23 27.21 6.02
CA GLY C 102 11.51 25.86 5.64
C GLY C 102 12.70 25.85 4.74
N LYS C 103 13.59 24.90 4.98
CA LYS C 103 14.78 24.73 4.18
C LYS C 103 15.11 23.26 4.06
N VAL C 104 15.63 22.90 2.88
CA VAL C 104 16.16 21.58 2.59
C VAL C 104 17.61 21.88 2.17
N LEU C 105 18.58 21.48 2.99
CA LEU C 105 19.98 21.77 2.72
C LEU C 105 20.71 20.50 2.28
N GLU C 106 21.38 20.57 1.15
CA GLU C 106 22.03 19.39 0.57
C GLU C 106 23.17 18.91 1.45
N LYS C 107 23.08 17.64 1.84
CA LYS C 107 24.10 16.96 2.67
C LYS C 107 24.57 17.74 3.89
N ALA C 108 23.69 18.53 4.50
CA ALA C 108 24.08 19.33 5.67
C ALA C 108 23.89 18.59 7.00
N ALA C 109 23.19 17.46 7.00
CA ALA C 109 22.97 16.73 8.24
C ALA C 109 23.90 15.56 8.30
N THR C 110 23.91 14.87 9.44
CA THR C 110 24.74 13.68 9.66
C THR C 110 23.87 12.55 10.20
N THR C 111 23.86 11.43 9.49
CA THR C 111 23.08 10.28 9.92
C THR C 111 23.73 9.69 11.18
N PRO C 112 23.01 8.77 11.84
CA PRO C 112 23.57 8.11 13.02
C PRO C 112 24.80 7.27 12.71
N SER C 113 24.96 6.85 11.45
CA SER C 113 26.14 6.08 11.04
C SER C 113 27.30 6.97 10.63
N GLY C 114 27.15 8.29 10.76
CA GLY C 114 28.22 9.22 10.45
C GLY C 114 28.40 9.60 9.00
N PRO C 116 27.01 12.02 5.66
CA PRO C 116 26.24 13.23 5.40
C PRO C 116 24.89 12.90 4.80
N ALA C 117 23.87 13.65 5.15
CA ALA C 117 22.55 13.43 4.61
C ALA C 117 21.87 14.78 4.46
N ASP C 118 21.03 14.92 3.44
CA ASP C 118 20.29 16.15 3.27
C ASP C 118 19.46 16.40 4.53
N SER C 119 19.35 17.66 4.91
CA SER C 119 18.60 18.02 6.10
C SER C 119 17.32 18.76 5.72
N ILE C 120 16.33 18.65 6.58
CA ILE C 120 15.10 19.39 6.44
C ILE C 120 14.90 20.11 7.76
N VAL C 121 14.42 21.35 7.66
CA VAL C 121 14.12 22.12 8.83
C VAL C 121 12.94 23.05 8.51
N TYR C 122 12.06 23.26 9.48
CA TYR C 122 11.01 24.24 9.33
C TYR C 122 10.34 24.55 10.66
N VAL C 124 6.70 25.42 12.51
CA VAL C 124 5.28 25.17 12.27
C VAL C 124 4.40 25.60 13.43
N GLN C 125 3.24 26.16 13.09
CA GLN C 125 2.24 26.55 14.06
C GLN C 125 0.91 25.94 13.66
N PHE C 126 0.13 25.54 14.66
CA PHE C 126 -1.14 24.91 14.43
C PHE C 126 -2.17 25.83 15.05
N ASP C 127 -3.18 26.21 14.27
CA ASP C 127 -4.16 27.17 14.76
C ASP C 127 -5.01 26.59 15.91
N ASP C 128 -5.12 25.26 15.97
CA ASP C 128 -5.86 24.57 17.06
C ASP C 128 -4.97 24.18 18.24
N ASP C 129 -3.77 24.76 18.30
CA ASP C 129 -2.86 24.54 19.43
C ASP C 129 -3.19 25.64 20.44
N GLU C 130 -3.87 25.29 21.53
CA GLU C 130 -4.23 26.31 22.50
C GLU C 130 -3.03 26.91 23.22
N ASP C 131 -1.90 26.23 23.21
CA ASP C 131 -0.69 26.77 23.82
C ASP C 131 0.00 27.73 22.87
N GLY C 132 -0.43 27.74 21.61
CA GLY C 132 0.08 28.66 20.62
C GLY C 132 1.57 28.66 20.37
N LEU C 133 2.18 27.49 20.44
CA LEU C 133 3.61 27.38 20.28
C LEU C 133 4.05 27.33 18.82
N THR C 134 5.33 27.62 18.63
CA THR C 134 6.02 27.50 17.37
C THR C 134 6.94 26.33 17.58
N TYR C 135 6.75 25.27 16.77
CA TYR C 135 7.55 24.07 16.84
C TYR C 135 8.63 24.12 15.77
N LYS C 136 9.81 23.59 16.07
CA LYS C 136 10.88 23.52 15.07
C LYS C 136 11.09 22.06 14.70
N VAL C 137 10.68 21.71 13.48
CA VAL C 137 10.84 20.36 12.96
C VAL C 137 12.16 20.30 12.19
N SER C 138 12.98 19.31 12.52
CA SER C 138 14.31 19.22 11.98
C SER C 138 14.78 17.77 11.87
N GLY C 139 15.45 17.44 10.76
CA GLY C 139 15.90 16.07 10.56
C GLY C 139 16.72 15.85 9.31
N PHE C 140 16.86 14.60 8.91
CA PHE C 140 17.69 14.24 7.76
C PHE C 140 16.97 13.25 6.86
N ARG C 141 17.46 13.15 5.63
CA ARG C 141 16.87 12.22 4.66
C ARG C 141 17.18 10.76 5.00
N ARG C 142 16.15 9.95 5.14
CA ARG C 142 16.26 8.55 5.45
C ARG C 142 17.17 7.87 4.44
N THR C 143 18.14 7.10 4.93
CA THR C 143 19.09 6.39 4.07
C THR C 143 18.59 5.01 3.63
N GLY C 144 17.74 4.40 4.44
CA GLY C 144 17.27 3.04 4.17
C GLY C 144 18.15 2.04 4.92
N PHE C 145 19.22 2.49 5.56
CA PHE C 145 20.03 1.54 6.31
C PHE C 145 19.42 1.38 7.67
N PRO C 146 19.28 0.13 8.16
CA PRO C 146 18.68 -0.09 9.48
C PRO C 146 19.38 0.67 10.61
N ALA C 147 20.69 0.86 10.50
CA ALA C 147 21.45 1.58 11.51
C ALA C 147 21.05 3.05 11.58
N ASP C 148 20.37 3.57 10.55
CA ASP C 148 19.95 4.96 10.54
C ASP C 148 18.45 5.16 10.86
N ASP C 149 17.78 4.06 11.20
CA ASP C 149 16.38 4.09 11.55
C ASP C 149 16.27 4.19 13.05
N PHE C 150 15.07 4.54 13.51
CA PHE C 150 14.79 4.74 14.92
C PHE C 150 13.54 3.95 15.27
#